data_6UMI
#
_entry.id   6UMI
#
_cell.length_a   72.329
_cell.length_b   72.329
_cell.length_c   163.762
_cell.angle_alpha   90.000
_cell.angle_beta   90.000
_cell.angle_gamma   120.000
#
_symmetry.space_group_name_H-M   'P 32 2 1'
#
loop_
_entity.id
_entity.type
_entity.pdbx_description
1 polymer 'erenumab Fab heavy chain, IgG1'
2 polymer 'erenumab Fab light chain, IgG1'
3 water water
#
loop_
_entity_poly.entity_id
_entity_poly.type
_entity_poly.pdbx_seq_one_letter_code
_entity_poly.pdbx_strand_id
1 'polypeptide(L)'
;QVQLVESGGGVVQPGRSLRLSCAASGFTFSSFGMHWVRQAPGKGLEWVAVISFDGSIKYSVDSVKGRFTISRDNSKNTLF
LQMNSLRAEDTAVYYCARDRLNYYDSSGYYHYKYYGMAVWGQGTTVTVSSASTKGPSVFPLAPSSKSTSGGTAALGCLVK
DYFPEPVTVSWNSGALTSGVHTFPAVLQSSGLYSLSSVVTVPSSSLGTQTYICNVNHKPSNTKVDKKVEPKSCDEVD
;
H
2 'polypeptide(L)'
;QSVLTQPPSVSAAPGQKVTISCSGSSSNIGNNYVSWYQQLPGTAPKLLIYDNNKRPSGIPDRFSGSKSGTSTTLGITGLQ
TGDEADYYCGTWDSRLSAVVFGGGTKLTVLGQPKANPTVTLFPPSSEELQANKATLVCLISDFYPGAVTVAWKADGSPVK
AGVETTKPSKQSNNKYAASSYLSLTPEQWKSHRSYSCQVTHEGSTVEKTVAPTECS
;
L
#
# COMPACT_ATOMS: atom_id res chain seq x y z
N GLN A 1 2.04 24.54 12.89
CA GLN A 1 3.15 24.55 13.89
C GLN A 1 3.31 23.28 14.74
N VAL A 2 2.23 22.50 14.88
CA VAL A 2 2.26 21.24 15.63
C VAL A 2 2.46 20.06 14.70
N GLN A 3 3.64 19.46 14.75
CA GLN A 3 3.92 18.32 13.88
C GLN A 3 4.88 17.30 14.49
N LEU A 4 5.03 16.19 13.78
CA LEU A 4 5.91 15.10 14.19
C LEU A 4 6.67 14.63 12.97
N VAL A 5 7.99 14.58 13.07
CA VAL A 5 8.85 14.21 11.94
C VAL A 5 9.60 12.92 12.27
N GLU A 6 9.21 11.86 11.57
CA GLU A 6 9.84 10.57 11.76
C GLU A 6 11.05 10.36 10.84
N SER A 7 11.99 9.56 11.34
CA SER A 7 13.13 9.09 10.56
C SER A 7 13.65 7.75 11.11
N GLY A 8 14.57 7.13 10.36
CA GLY A 8 15.23 5.91 10.78
C GLY A 8 14.75 4.63 10.13
N GLY A 9 13.78 4.74 9.23
CA GLY A 9 13.28 3.59 8.48
C GLY A 9 14.37 2.92 7.67
N GLY A 10 14.00 1.85 6.97
CA GLY A 10 15.00 1.18 6.15
C GLY A 10 14.68 -0.22 5.73
N VAL A 11 15.65 -0.82 5.05
CA VAL A 11 15.53 -2.16 4.56
C VAL A 11 16.56 -2.99 5.26
N VAL A 12 16.16 -4.11 5.84
CA VAL A 12 17.11 -4.99 6.52
C VAL A 12 16.74 -6.44 6.39
N GLN A 13 17.69 -7.28 6.75
CA GLN A 13 17.41 -8.70 6.80
C GLN A 13 16.90 -9.07 8.19
N PRO A 14 16.23 -10.24 8.29
CA PRO A 14 15.74 -10.72 9.59
C PRO A 14 16.87 -10.85 10.62
N GLY A 15 16.55 -10.49 11.86
CA GLY A 15 17.50 -10.59 12.97
C GLY A 15 18.27 -9.31 13.22
N ARG A 16 18.15 -8.33 12.32
CA ARG A 16 18.88 -7.07 12.45
C ARG A 16 18.08 -6.08 13.25
N SER A 17 18.70 -4.97 13.60
CA SER A 17 18.02 -3.93 14.36
C SER A 17 17.87 -2.62 13.57
N LEU A 18 17.09 -1.70 14.13
CA LEU A 18 16.79 -0.42 13.48
C LEU A 18 16.32 0.49 14.62
N ARG A 19 16.51 1.80 14.48
CA ARG A 19 16.02 2.77 15.49
C ARG A 19 15.23 3.86 14.82
N LEU A 20 13.98 4.02 15.22
CA LEU A 20 13.14 5.10 14.69
C LEU A 20 13.14 6.28 15.64
N SER A 21 13.07 7.47 15.05
CA SER A 21 13.00 8.71 15.80
C SER A 21 11.75 9.47 15.39
N CYS A 22 11.20 10.24 16.32
CA CYS A 22 10.06 11.07 16.03
C CYS A 22 10.40 12.39 16.72
N ALA A 23 10.79 13.36 15.90
CA ALA A 23 11.10 14.71 16.38
C ALA A 23 9.79 15.51 16.47
N ALA A 24 9.54 16.06 17.64
CA ALA A 24 8.29 16.77 17.91
C ALA A 24 8.48 18.29 17.98
N SER A 25 7.53 19.02 17.39
CA SER A 25 7.53 20.49 17.44
C SER A 25 6.11 21.05 17.53
N GLY A 26 5.98 22.20 18.19
CA GLY A 26 4.71 22.93 18.24
C GLY A 26 4.00 22.86 19.59
N PHE A 27 4.33 21.86 20.38
CA PHE A 27 3.68 21.62 21.67
C PHE A 27 4.72 21.24 22.70
N THR A 28 4.32 21.31 23.96
CA THR A 28 5.16 20.84 25.03
C THR A 28 5.20 19.30 24.99
N PHE A 29 6.18 18.79 24.25
CA PHE A 29 6.42 17.36 24.14
C PHE A 29 6.32 16.62 25.48
N SER A 30 6.93 17.16 26.52
CA SER A 30 7.02 16.50 27.82
C SER A 30 5.68 16.34 28.56
N SER A 31 4.62 16.93 28.03
CA SER A 31 3.31 16.84 28.66
C SER A 31 2.35 15.83 28.01
N PHE A 32 2.81 15.07 27.04
CA PHE A 32 1.92 14.21 26.29
C PHE A 32 2.42 12.78 26.25
N GLY A 33 1.48 11.84 26.35
CA GLY A 33 1.77 10.45 26.07
C GLY A 33 1.96 10.32 24.58
N MET A 34 2.81 9.38 24.18
CA MET A 34 3.14 9.16 22.79
C MET A 34 3.00 7.67 22.40
N HIS A 35 2.65 7.43 21.14
CA HIS A 35 2.46 6.06 20.64
C HIS A 35 3.22 5.82 19.38
N TRP A 36 3.44 4.54 19.10
CA TRP A 36 3.81 4.10 17.77
C TRP A 36 2.69 3.22 17.24
N VAL A 37 2.35 3.44 15.98
CA VAL A 37 1.35 2.66 15.28
C VAL A 37 1.94 2.23 13.94
N ARG A 38 1.63 1.02 13.48
CA ARG A 38 2.14 0.55 12.22
C ARG A 38 1.05 0.04 11.27
N GLN A 39 1.39 0.06 9.99
CA GLN A 39 0.49 -0.33 8.93
C GLN A 39 1.24 -1.10 7.85
N ALA A 40 1.03 -2.41 7.80
CA ALA A 40 1.64 -3.25 6.77
C ALA A 40 1.03 -2.87 5.42
N PRO A 41 1.81 -2.96 4.34
CA PRO A 41 1.28 -2.55 3.03
C PRO A 41 -0.08 -3.19 2.73
N GLY A 42 -1.08 -2.35 2.47
CA GLY A 42 -2.44 -2.78 2.16
C GLY A 42 -3.34 -3.21 3.32
N LYS A 43 -2.85 -3.19 4.56
CA LYS A 43 -3.65 -3.68 5.71
C LYS A 43 -4.04 -2.54 6.65
N GLY A 44 -4.72 -2.88 7.73
CA GLY A 44 -5.19 -1.89 8.69
C GLY A 44 -4.10 -1.39 9.61
N LEU A 45 -4.49 -0.45 10.46
CA LEU A 45 -3.64 0.11 11.51
C LEU A 45 -3.45 -0.88 12.67
N GLU A 46 -2.20 -1.05 13.11
CA GLU A 46 -1.91 -1.91 14.26
C GLU A 46 -1.14 -1.11 15.31
N TRP A 47 -1.72 -0.96 16.49
CA TRP A 47 -1.02 -0.25 17.56
C TRP A 47 0.20 -1.06 18.01
N VAL A 48 1.32 -0.36 18.22
CA VAL A 48 2.57 -1.02 18.62
C VAL A 48 2.90 -0.76 20.10
N ALA A 49 2.90 0.49 20.52
CA ALA A 49 3.25 0.82 21.92
C ALA A 49 2.90 2.24 22.33
N VAL A 50 2.85 2.44 23.64
CA VAL A 50 2.67 3.77 24.21
C VAL A 50 3.69 4.03 25.34
N ILE A 51 4.08 5.29 25.49
CA ILE A 51 4.90 5.71 26.63
C ILE A 51 4.28 6.94 27.24
N SER A 52 4.26 7.00 28.58
CA SER A 52 3.64 8.12 29.28
C SER A 52 4.46 9.39 29.16
N PHE A 53 3.84 10.51 29.57
CA PHE A 53 4.44 11.84 29.43
C PHE A 53 5.87 11.90 29.96
N ASP A 54 6.12 11.26 31.09
CA ASP A 54 7.44 11.26 31.73
C ASP A 54 8.27 9.95 31.59
N GLY A 55 7.80 8.99 30.80
CA GLY A 55 8.57 7.78 30.52
C GLY A 55 8.42 6.64 31.52
N SER A 56 7.75 6.86 32.64
CA SER A 56 7.68 5.85 33.68
C SER A 56 6.76 4.67 33.34
N ILE A 57 5.75 4.89 32.49
CA ILE A 57 4.78 3.85 32.15
C ILE A 57 4.79 3.56 30.65
N LYS A 58 4.85 2.26 30.32
CA LYS A 58 4.96 1.78 28.95
C LYS A 58 4.20 0.49 28.75
N TYR A 59 3.61 0.35 27.57
CA TYR A 59 2.95 -0.87 27.14
C TYR A 59 3.22 -1.12 25.66
N SER A 60 3.22 -2.39 25.26
CA SER A 60 3.31 -2.74 23.84
C SER A 60 2.52 -4.00 23.50
N VAL A 61 2.39 -4.27 22.22
CA VAL A 61 1.70 -5.44 21.72
C VAL A 61 2.59 -6.66 22.02
N ASP A 62 1.98 -7.81 22.32
CA ASP A 62 2.70 -9.01 22.67
C ASP A 62 3.72 -9.41 21.61
N SER A 63 3.39 -9.21 20.34
CA SER A 63 4.24 -9.71 19.27
C SER A 63 5.59 -8.98 19.17
N VAL A 64 5.72 -7.82 19.83
CA VAL A 64 6.99 -7.10 19.89
C VAL A 64 7.66 -7.04 21.26
N LYS A 65 6.96 -7.53 22.29
CA LYS A 65 7.55 -7.57 23.65
C LYS A 65 8.88 -8.27 23.65
N GLY A 66 9.85 -7.65 24.32
CA GLY A 66 11.21 -8.16 24.36
C GLY A 66 12.04 -7.81 23.14
N ARG A 67 11.41 -7.31 22.10
CA ARG A 67 12.13 -7.00 20.86
C ARG A 67 12.21 -5.51 20.64
N PHE A 68 11.09 -4.81 20.81
CA PHE A 68 11.02 -3.39 20.52
C PHE A 68 10.99 -2.65 21.83
N THR A 69 11.63 -1.49 21.88
CA THR A 69 11.71 -0.70 23.10
C THR A 69 11.29 0.70 22.77
N ILE A 70 10.16 1.12 23.33
CA ILE A 70 9.74 2.51 23.23
C ILE A 70 10.48 3.28 24.31
N SER A 71 11.01 4.44 23.96
CA SER A 71 11.66 5.34 24.92
C SER A 71 11.47 6.75 24.44
N ARG A 72 11.77 7.72 25.31
CA ARG A 72 11.71 9.12 24.91
C ARG A 72 12.82 9.92 25.57
N ASP A 73 13.22 11.00 24.89
CA ASP A 73 14.12 11.99 25.46
C ASP A 73 13.39 13.34 25.50
N ASN A 74 12.86 13.67 26.68
CA ASN A 74 12.08 14.90 26.83
C ASN A 74 12.95 16.15 26.63
N SER A 75 14.16 16.13 27.18
CA SER A 75 15.13 17.23 26.93
C SER A 75 15.42 17.51 25.46
N LYS A 76 15.07 16.61 24.53
CA LYS A 76 15.25 16.86 23.08
C LYS A 76 14.01 16.66 22.21
N ASN A 77 12.82 16.63 22.82
CA ASN A 77 11.57 16.54 22.09
C ASN A 77 11.54 15.43 21.04
N THR A 78 12.08 14.27 21.42
CA THR A 78 12.13 13.13 20.50
C THR A 78 11.58 11.85 21.16
N LEU A 79 10.82 11.10 20.36
CA LEU A 79 10.33 9.78 20.70
C LEU A 79 11.13 8.75 19.91
N PHE A 80 11.52 7.66 20.56
CA PHE A 80 12.28 6.61 19.89
C PHE A 80 11.56 5.27 19.87
N LEU A 81 11.88 4.44 18.88
CA LEU A 81 11.52 3.02 18.93
C LEU A 81 12.71 2.18 18.48
N GLN A 82 13.30 1.47 19.43
CA GLN A 82 14.43 0.58 19.17
C GLN A 82 13.87 -0.77 18.74
N MET A 83 14.12 -1.14 17.49
CA MET A 83 13.61 -2.41 16.93
C MET A 83 14.73 -3.45 16.76
N ASN A 84 14.75 -4.45 17.63
CA ASN A 84 15.75 -5.50 17.57
C ASN A 84 15.12 -6.78 17.04
N SER A 85 15.95 -7.72 16.60
CA SER A 85 15.50 -9.03 16.17
C SER A 85 14.29 -8.93 15.25
N LEU A 86 14.39 -8.06 14.25
CA LEU A 86 13.34 -7.86 13.26
C LEU A 86 12.94 -9.14 12.51
N ARG A 87 11.67 -9.21 12.17
CA ARG A 87 11.11 -10.32 11.44
C ARG A 87 10.40 -9.76 10.24
N ALA A 88 10.21 -10.59 9.22
CA ALA A 88 9.53 -10.19 8.00
C ALA A 88 8.16 -9.57 8.29
N GLU A 89 7.47 -10.08 9.29
CA GLU A 89 6.14 -9.59 9.65
C GLU A 89 6.13 -8.21 10.35
N ASP A 90 7.31 -7.64 10.62
CA ASP A 90 7.42 -6.28 11.13
C ASP A 90 7.43 -5.24 9.99
N THR A 91 7.52 -5.74 8.75
CA THR A 91 7.50 -4.88 7.57
C THR A 91 6.23 -4.01 7.56
N ALA A 92 6.40 -2.69 7.60
CA ALA A 92 5.24 -1.79 7.58
C ALA A 92 5.68 -0.36 7.57
N VAL A 93 4.72 0.53 7.37
CA VAL A 93 4.94 1.95 7.62
C VAL A 93 4.66 2.16 9.10
N TYR A 94 5.59 2.83 9.77
CA TYR A 94 5.49 3.11 11.19
C TYR A 94 5.22 4.58 11.43
N TYR A 95 4.14 4.88 12.14
CA TYR A 95 3.77 6.23 12.55
C TYR A 95 3.96 6.46 14.04
N CYS A 96 4.43 7.64 14.41
CA CYS A 96 4.29 8.09 15.77
C CYS A 96 3.03 8.95 15.86
N ALA A 97 2.45 8.97 17.04
CA ALA A 97 1.20 9.68 17.26
C ALA A 97 1.20 10.27 18.65
N ARG A 98 0.56 11.42 18.81
CA ARG A 98 0.49 12.12 20.08
C ARG A 98 -0.91 11.94 20.62
N ASP A 99 -1.01 11.73 21.93
CA ASP A 99 -2.28 11.78 22.65
C ASP A 99 -2.98 13.11 22.42
N ARG A 100 -4.30 13.06 22.32
CA ARG A 100 -5.08 14.26 22.18
C ARG A 100 -4.96 15.13 23.43
N LEU A 101 -5.15 14.50 24.58
CA LEU A 101 -5.17 15.24 25.84
C LEU A 101 -3.82 15.05 26.51
N ASN A 102 -3.39 16.07 27.26
CA ASN A 102 -2.10 16.02 27.94
C ASN A 102 -2.20 15.31 29.30
N TYR A 103 -1.11 15.37 30.06
CA TYR A 103 -0.96 14.59 31.29
C TYR A 103 -1.97 14.98 32.36
N TYR A 104 -2.58 16.17 32.26
CA TYR A 104 -3.62 16.56 33.21
C TYR A 104 -4.69 15.47 33.23
N ASP A 105 -4.96 14.89 32.06
CA ASP A 105 -5.97 13.85 31.90
C ASP A 105 -5.40 12.43 31.84
N SER A 106 -4.28 12.25 31.16
CA SER A 106 -3.72 10.90 30.92
C SER A 106 -2.90 10.33 32.09
N SER A 107 -2.55 11.17 33.06
CA SER A 107 -1.88 10.70 34.26
C SER A 107 -2.87 10.55 35.41
N GLY A 108 -3.46 9.36 35.51
CA GLY A 108 -4.34 9.00 36.61
C GLY A 108 -3.59 8.70 37.89
N TYR A 109 -4.35 8.38 38.95
CA TYR A 109 -3.80 7.86 40.19
C TYR A 109 -3.23 6.47 39.95
N TYR A 110 -4.08 5.60 39.39
CA TYR A 110 -3.73 4.20 39.19
C TYR A 110 -2.94 3.98 37.90
N HIS A 111 -3.40 4.61 36.82
CA HIS A 111 -3.09 4.16 35.47
C HIS A 111 -2.78 5.28 34.48
N TYR A 112 -2.05 4.94 33.42
CA TYR A 112 -2.06 5.72 32.20
C TYR A 112 -3.46 5.60 31.57
N LYS A 113 -4.05 6.73 31.16
CA LYS A 113 -5.42 6.75 30.62
C LYS A 113 -5.42 7.26 29.18
N TYR A 114 -6.02 6.48 28.27
CA TYR A 114 -6.04 6.77 26.84
C TYR A 114 -7.39 7.33 26.36
N TYR A 115 -7.34 8.45 25.64
CA TYR A 115 -8.55 9.14 25.16
C TYR A 115 -8.50 9.47 23.65
N GLY A 116 -7.59 8.83 22.93
CA GLY A 116 -7.48 9.05 21.51
C GLY A 116 -6.21 9.76 21.11
N MET A 117 -5.85 9.63 19.84
CA MET A 117 -4.69 10.31 19.27
C MET A 117 -5.18 11.54 18.53
N ALA A 118 -4.30 12.50 18.30
CA ALA A 118 -4.68 13.76 17.62
C ALA A 118 -3.76 14.13 16.47
N VAL A 119 -2.46 13.99 16.71
CA VAL A 119 -1.44 14.35 15.77
C VAL A 119 -0.69 13.09 15.33
N TRP A 120 -0.49 12.93 14.03
CA TRP A 120 0.25 11.83 13.46
C TRP A 120 1.42 12.31 12.62
N GLY A 121 2.49 11.52 12.60
CA GLY A 121 3.64 11.82 11.74
C GLY A 121 3.35 11.40 10.32
N GLN A 122 4.28 11.69 9.43
CA GLN A 122 4.16 11.31 8.02
C GLN A 122 4.38 9.80 7.80
N GLY A 123 5.08 9.15 8.71
CA GLY A 123 5.37 7.72 8.62
C GLY A 123 6.79 7.50 8.13
N THR A 124 7.37 6.34 8.45
CA THR A 124 8.67 5.92 7.91
C THR A 124 8.55 4.44 7.61
N THR A 125 9.15 3.99 6.51
CA THR A 125 8.97 2.64 6.02
C THR A 125 10.07 1.74 6.52
N VAL A 126 9.65 0.60 7.05
CA VAL A 126 10.56 -0.43 7.48
C VAL A 126 10.25 -1.66 6.64
N THR A 127 11.25 -2.16 5.91
CA THR A 127 11.09 -3.37 5.10
C THR A 127 12.04 -4.43 5.62
N VAL A 128 11.51 -5.59 5.99
CA VAL A 128 12.33 -6.68 6.50
C VAL A 128 12.21 -7.87 5.60
N SER A 129 13.33 -8.31 5.03
CA SER A 129 13.30 -9.42 4.08
C SER A 129 14.62 -10.12 3.96
N SER A 130 14.55 -11.42 3.65
CA SER A 130 15.70 -12.27 3.33
C SER A 130 16.51 -11.85 2.10
N ALA A 131 15.86 -11.16 1.17
CA ALA A 131 16.51 -10.80 -0.09
C ALA A 131 17.71 -9.87 0.10
N SER A 132 18.64 -9.96 -0.84
CA SER A 132 19.82 -9.10 -0.86
C SER A 132 19.67 -8.11 -1.99
N THR A 133 20.26 -6.93 -1.84
CA THR A 133 20.31 -5.93 -2.90
C THR A 133 20.72 -6.54 -4.24
N LYS A 134 19.88 -6.34 -5.25
CA LYS A 134 20.13 -6.88 -6.58
C LYS A 134 19.54 -5.93 -7.62
N GLY A 135 20.33 -5.64 -8.65
CA GLY A 135 19.93 -4.73 -9.73
C GLY A 135 19.09 -5.51 -10.71
N PRO A 136 18.15 -4.84 -11.39
CA PRO A 136 17.29 -5.52 -12.35
C PRO A 136 18.00 -5.87 -13.64
N SER A 137 17.55 -6.96 -14.26
CA SER A 137 17.74 -7.20 -15.66
C SER A 137 16.62 -6.48 -16.43
N VAL A 138 16.95 -5.78 -17.51
CA VAL A 138 15.99 -4.99 -18.27
C VAL A 138 15.82 -5.59 -19.67
N PHE A 139 14.62 -6.07 -20.00
CA PHE A 139 14.38 -6.71 -21.28
C PHE A 139 13.41 -5.89 -22.11
N PRO A 140 13.72 -5.69 -23.39
CA PRO A 140 12.80 -4.98 -24.28
C PRO A 140 11.59 -5.84 -24.60
N LEU A 141 10.41 -5.22 -24.64
CA LEU A 141 9.17 -5.88 -25.04
C LEU A 141 8.76 -5.26 -26.37
N ALA A 142 9.05 -5.97 -27.45
CA ALA A 142 8.95 -5.39 -28.79
C ALA A 142 7.54 -5.38 -29.36
N PRO A 143 7.23 -4.35 -30.15
CA PRO A 143 5.94 -4.32 -30.82
C PRO A 143 5.85 -5.21 -32.08
N SER A 144 4.64 -5.72 -32.37
CA SER A 144 4.41 -6.53 -33.59
C SER A 144 2.91 -6.57 -33.92
N SER A 145 2.49 -7.62 -34.65
CA SER A 145 1.07 -7.86 -35.02
C SER A 145 0.59 -6.88 -36.08
N GLY A 150 -4.80 -0.37 -34.04
CA GLY A 150 -4.73 -0.54 -35.49
C GLY A 150 -3.49 0.11 -36.08
N GLY A 151 -3.48 1.44 -36.11
CA GLY A 151 -2.31 2.19 -36.50
C GLY A 151 -1.56 2.56 -35.24
N THR A 152 -1.79 1.79 -34.20
CA THR A 152 -1.11 1.99 -32.92
C THR A 152 -0.31 0.74 -32.55
N ALA A 153 0.83 0.92 -31.87
CA ALA A 153 1.64 -0.18 -31.43
C ALA A 153 2.04 0.00 -29.97
N ALA A 154 2.08 -1.12 -29.25
CA ALA A 154 2.46 -1.12 -27.87
C ALA A 154 3.84 -1.73 -27.75
N LEU A 155 4.70 -1.07 -27.00
CA LEU A 155 6.04 -1.59 -26.72
C LEU A 155 6.40 -1.30 -25.28
N GLY A 156 7.33 -2.07 -24.74
CA GLY A 156 7.63 -1.92 -23.32
C GLY A 156 9.01 -2.35 -22.89
N CYS A 157 9.24 -2.25 -21.58
CA CYS A 157 10.39 -2.79 -20.90
C CYS A 157 9.97 -3.63 -19.72
N LEU A 158 10.57 -4.81 -19.60
CA LEU A 158 10.43 -5.67 -18.42
C LEU A 158 11.63 -5.41 -17.53
N VAL A 159 11.35 -4.99 -16.30
CA VAL A 159 12.38 -4.69 -15.32
C VAL A 159 12.30 -5.81 -14.32
N LYS A 160 13.19 -6.79 -14.48
CA LYS A 160 13.02 -8.06 -13.81
C LYS A 160 14.01 -8.34 -12.68
N ASP A 161 13.49 -8.85 -11.58
CA ASP A 161 14.28 -9.42 -10.49
C ASP A 161 15.18 -8.42 -9.76
N TYR A 162 14.58 -7.45 -9.12
CA TYR A 162 15.35 -6.47 -8.37
C TYR A 162 14.92 -6.41 -6.92
N PHE A 163 15.80 -5.87 -6.10
CA PHE A 163 15.51 -5.63 -4.70
C PHE A 163 16.53 -4.62 -4.18
N PRO A 164 16.11 -3.66 -3.36
CA PRO A 164 14.72 -3.40 -2.97
C PRO A 164 14.03 -2.37 -3.89
N GLU A 165 12.77 -2.06 -3.60
CA GLU A 165 12.11 -0.87 -4.18
C GLU A 165 12.90 0.38 -3.78
N PRO A 166 12.81 1.50 -4.49
CA PRO A 166 12.04 1.67 -5.72
C PRO A 166 12.90 1.61 -6.98
N VAL A 167 12.23 1.48 -8.13
CA VAL A 167 12.84 1.70 -9.44
C VAL A 167 12.04 2.81 -10.12
N THR A 168 12.71 3.71 -10.84
CA THR A 168 12.03 4.69 -11.69
C THR A 168 12.24 4.36 -13.18
N VAL A 169 11.20 4.61 -13.98
CA VAL A 169 11.27 4.37 -15.40
C VAL A 169 10.78 5.62 -16.11
N SER A 170 11.46 6.00 -17.16
CA SER A 170 10.99 7.05 -18.06
C SER A 170 11.34 6.59 -19.48
N TRP A 171 10.89 7.35 -20.47
CA TRP A 171 11.07 7.00 -21.86
C TRP A 171 11.70 8.13 -22.63
N ASN A 172 12.66 7.78 -23.47
CA ASN A 172 13.45 8.75 -24.21
C ASN A 172 13.88 9.91 -23.32
N SER A 173 14.42 9.56 -22.15
CA SER A 173 14.93 10.52 -21.16
C SER A 173 13.89 11.55 -20.73
N GLY A 174 12.63 11.14 -20.63
CA GLY A 174 11.57 12.02 -20.17
C GLY A 174 10.85 12.76 -21.28
N ALA A 175 11.32 12.65 -22.51
CA ALA A 175 10.69 13.39 -23.62
C ALA A 175 9.38 12.77 -24.06
N LEU A 176 9.26 11.45 -23.93
CA LEU A 176 8.05 10.73 -24.30
C LEU A 176 7.21 10.46 -23.04
N THR A 177 6.05 11.11 -22.95
CA THR A 177 5.16 11.00 -21.78
C THR A 177 3.74 10.57 -22.12
N SER A 178 3.21 10.99 -23.27
CA SER A 178 1.89 10.54 -23.72
C SER A 178 1.88 9.06 -24.04
N GLY A 179 0.86 8.37 -23.56
CA GLY A 179 0.69 6.95 -23.83
C GLY A 179 1.56 6.07 -22.98
N VAL A 180 2.24 6.63 -21.97
CA VAL A 180 3.16 5.87 -21.13
C VAL A 180 2.40 5.37 -19.90
N HIS A 181 2.50 4.06 -19.67
CA HIS A 181 1.99 3.44 -18.48
C HIS A 181 3.01 2.52 -17.81
N THR A 182 3.39 2.91 -16.60
CA THR A 182 4.35 2.19 -15.82
C THR A 182 3.59 1.57 -14.68
N PHE A 183 3.74 0.27 -14.51
CA PHE A 183 2.92 -0.48 -13.61
C PHE A 183 3.69 -0.74 -12.33
N PRO A 184 3.01 -0.62 -11.16
CA PRO A 184 3.52 -1.08 -9.87
C PRO A 184 4.03 -2.51 -9.90
N ALA A 185 5.05 -2.75 -9.10
CA ALA A 185 5.80 -4.00 -9.19
C ALA A 185 5.04 -5.11 -8.56
N VAL A 186 5.35 -6.31 -9.01
CA VAL A 186 4.93 -7.53 -8.37
C VAL A 186 6.06 -7.99 -7.46
N LEU A 187 5.71 -8.60 -6.34
CA LEU A 187 6.68 -9.14 -5.40
C LEU A 187 6.63 -10.64 -5.53
N GLN A 188 7.74 -11.24 -5.94
CA GLN A 188 7.75 -12.68 -6.20
C GLN A 188 8.08 -13.48 -4.95
N SER A 189 7.84 -14.79 -5.03
CA SER A 189 8.17 -15.71 -3.95
C SER A 189 9.66 -15.69 -3.60
N SER A 190 10.50 -15.40 -4.59
CA SER A 190 11.94 -15.30 -4.37
C SER A 190 12.33 -14.10 -3.47
N GLY A 191 11.40 -13.19 -3.21
CA GLY A 191 11.70 -11.94 -2.50
C GLY A 191 12.14 -10.78 -3.42
N LEU A 192 12.24 -11.06 -4.72
CA LEU A 192 12.60 -10.06 -5.71
C LEU A 192 11.36 -9.50 -6.38
N TYR A 193 11.49 -8.28 -6.86
CA TYR A 193 10.45 -7.56 -7.55
C TYR A 193 10.64 -7.61 -9.04
N SER A 194 9.53 -7.45 -9.77
CA SER A 194 9.59 -7.15 -11.19
C SER A 194 8.53 -6.15 -11.52
N LEU A 195 8.79 -5.33 -12.52
CA LEU A 195 7.77 -4.42 -13.05
C LEU A 195 7.93 -4.21 -14.54
N SER A 196 6.91 -3.65 -15.17
CA SER A 196 6.93 -3.34 -16.58
C SER A 196 6.40 -1.95 -16.85
N SER A 197 6.82 -1.38 -17.98
CA SER A 197 6.30 -0.11 -18.46
C SER A 197 6.01 -0.25 -19.95
N VAL A 198 4.91 0.35 -20.39
CA VAL A 198 4.47 0.27 -21.79
C VAL A 198 4.17 1.65 -22.31
N VAL A 199 4.36 1.82 -23.61
CA VAL A 199 4.02 3.04 -24.26
C VAL A 199 3.36 2.67 -25.58
N THR A 200 2.22 3.28 -25.88
CA THR A 200 1.57 3.07 -27.16
C THR A 200 1.96 4.24 -28.06
N VAL A 201 2.41 3.94 -29.27
CA VAL A 201 2.92 4.95 -30.16
C VAL A 201 2.31 4.70 -31.51
N PRO A 202 2.38 5.69 -32.42
CA PRO A 202 1.87 5.40 -33.76
C PRO A 202 2.74 4.35 -34.46
N SER A 203 2.09 3.36 -35.07
CA SER A 203 2.76 2.36 -35.88
C SER A 203 3.66 2.95 -36.95
N SER A 204 3.21 4.02 -37.59
CA SER A 204 3.98 4.69 -38.64
C SER A 204 5.27 5.40 -38.20
N SER A 205 5.51 5.51 -36.90
CA SER A 205 6.71 6.14 -36.38
C SER A 205 7.83 5.11 -36.18
N LEU A 206 7.51 3.83 -36.23
CA LEU A 206 8.47 2.80 -35.83
C LEU A 206 9.77 2.78 -36.63
N GLY A 207 9.75 3.25 -37.87
CA GLY A 207 10.95 3.28 -38.68
C GLY A 207 11.69 4.61 -38.68
N THR A 208 11.19 5.59 -37.91
CA THR A 208 11.79 6.93 -37.88
C THR A 208 12.06 7.48 -36.47
N GLN A 209 11.72 6.71 -35.45
CA GLN A 209 11.87 7.15 -34.09
C GLN A 209 12.43 5.95 -33.35
N THR A 210 13.29 6.19 -32.36
CA THR A 210 13.81 5.15 -31.52
C THR A 210 13.24 5.33 -30.14
N TYR A 211 12.92 4.19 -29.51
CA TYR A 211 12.29 4.16 -28.22
C TYR A 211 13.21 3.51 -27.21
N ILE A 212 13.49 4.25 -26.14
CA ILE A 212 14.50 3.85 -25.16
C ILE A 212 13.88 4.06 -23.80
N CYS A 213 13.89 3.01 -22.99
CA CYS A 213 13.34 3.14 -21.66
C CYS A 213 14.48 3.26 -20.67
N ASN A 214 14.36 4.25 -19.79
CA ASN A 214 15.43 4.61 -18.88
C ASN A 214 15.08 4.10 -17.52
N VAL A 215 15.87 3.17 -17.01
CA VAL A 215 15.58 2.44 -15.79
C VAL A 215 16.67 2.68 -14.77
N ASN A 216 16.25 3.18 -13.60
CA ASN A 216 17.17 3.55 -12.56
C ASN A 216 16.81 2.89 -11.24
N HIS A 217 17.74 2.11 -10.72
CA HIS A 217 17.60 1.44 -9.47
C HIS A 217 18.72 1.95 -8.59
N LYS A 218 18.47 3.04 -7.89
CA LYS A 218 19.54 3.70 -7.10
C LYS A 218 20.23 2.78 -6.09
N PRO A 219 19.48 1.95 -5.36
CA PRO A 219 20.12 1.09 -4.34
C PRO A 219 21.20 0.16 -4.83
N SER A 220 21.22 -0.16 -6.12
CA SER A 220 22.26 -1.02 -6.67
C SER A 220 23.11 -0.28 -7.69
N ASN A 221 22.94 1.04 -7.78
CA ASN A 221 23.68 1.87 -8.73
C ASN A 221 23.59 1.26 -10.14
N THR A 222 22.37 0.90 -10.51
CA THR A 222 22.05 0.33 -11.81
C THR A 222 21.25 1.36 -12.59
N LYS A 223 21.80 1.83 -13.70
CA LYS A 223 21.11 2.75 -14.60
C LYS A 223 21.28 2.21 -16.00
N VAL A 224 20.15 1.89 -16.63
CA VAL A 224 20.14 1.26 -17.94
C VAL A 224 19.14 1.99 -18.85
N ASP A 225 19.59 2.34 -20.05
CA ASP A 225 18.73 2.87 -21.07
C ASP A 225 18.59 1.83 -22.18
N LYS A 226 17.43 1.17 -22.22
CA LYS A 226 17.28 0.00 -23.05
C LYS A 226 16.51 0.32 -24.33
N LYS A 227 17.14 0.07 -25.46
CA LYS A 227 16.51 0.34 -26.74
C LYS A 227 15.50 -0.76 -27.05
N VAL A 228 14.30 -0.37 -27.47
CA VAL A 228 13.23 -1.31 -27.83
C VAL A 228 12.90 -1.17 -29.32
N GLU A 229 13.25 -2.18 -30.11
CA GLU A 229 13.11 -2.13 -31.56
C GLU A 229 12.13 -3.16 -32.09
N PRO A 230 11.54 -2.92 -33.27
CA PRO A 230 10.72 -3.92 -33.95
C PRO A 230 11.46 -5.24 -34.08
N LYS A 231 10.78 -6.35 -33.87
CA LYS A 231 11.44 -7.66 -33.86
C LYS A 231 11.65 -8.24 -35.26
N SER A 232 12.61 -9.16 -35.36
CA SER A 232 12.97 -9.80 -36.63
C SER A 232 13.64 -11.14 -36.39
N GLN B 1 -9.70 -11.73 14.52
CA GLN B 1 -8.57 -11.10 13.77
C GLN B 1 -8.25 -9.71 14.30
N SER B 2 -9.22 -8.80 14.25
CA SER B 2 -9.16 -7.58 15.06
C SER B 2 -10.15 -7.71 16.19
N VAL B 3 -9.94 -6.93 17.24
CA VAL B 3 -10.80 -7.00 18.43
C VAL B 3 -12.11 -6.24 18.21
N LEU B 4 -12.05 -5.19 17.39
CA LEU B 4 -13.23 -4.45 16.99
C LEU B 4 -13.61 -4.82 15.56
N THR B 5 -14.89 -5.06 15.34
CA THR B 5 -15.37 -5.44 14.02
C THR B 5 -16.02 -4.26 13.28
N GLN B 6 -15.41 -3.86 12.16
CA GLN B 6 -15.97 -2.89 11.23
C GLN B 6 -16.31 -3.60 9.91
N PRO B 7 -17.38 -3.14 9.22
CA PRO B 7 -17.56 -3.67 7.87
C PRO B 7 -16.38 -3.32 6.95
N PRO B 8 -15.89 -4.29 6.15
CA PRO B 8 -14.74 -4.00 5.29
C PRO B 8 -15.05 -2.95 4.22
N SER B 9 -16.32 -2.80 3.83
CA SER B 9 -16.65 -1.75 2.86
C SER B 9 -18.10 -1.32 2.91
N VAL B 10 -18.30 -0.08 2.46
CA VAL B 10 -19.62 0.52 2.32
C VAL B 10 -19.56 1.51 1.16
N SER B 11 -20.72 1.90 0.67
CA SER B 11 -20.80 2.88 -0.40
C SER B 11 -22.16 3.59 -0.48
N ALA B 12 -22.12 4.82 -0.97
CA ALA B 12 -23.33 5.54 -1.34
C ALA B 12 -22.97 6.59 -2.38
N ALA B 13 -23.99 7.26 -2.90
CA ALA B 13 -23.85 8.21 -4.00
C ALA B 13 -23.64 9.65 -3.51
N PRO B 14 -23.05 10.51 -4.36
CA PRO B 14 -22.81 11.90 -3.96
C PRO B 14 -24.06 12.57 -3.42
N GLY B 15 -23.95 13.20 -2.26
CA GLY B 15 -25.07 13.91 -1.67
C GLY B 15 -25.81 13.12 -0.62
N GLN B 16 -25.74 11.79 -0.67
CA GLN B 16 -26.40 10.95 0.33
C GLN B 16 -25.61 10.92 1.63
N LYS B 17 -26.18 10.28 2.66
CA LYS B 17 -25.46 10.00 3.90
C LYS B 17 -25.20 8.49 3.97
N VAL B 18 -24.16 8.12 4.71
CA VAL B 18 -23.83 6.71 4.88
C VAL B 18 -23.45 6.43 6.34
N THR B 19 -23.59 5.18 6.78
CA THR B 19 -23.28 4.80 8.15
C THR B 19 -22.27 3.68 8.24
N ILE B 20 -21.37 3.80 9.20
CA ILE B 20 -20.29 2.82 9.43
C ILE B 20 -20.24 2.35 10.89
N SER B 21 -20.51 1.07 11.13
CA SER B 21 -20.56 0.51 12.47
C SER B 21 -19.19 0.05 12.95
N CYS B 22 -19.06 -0.02 14.27
CA CYS B 22 -17.86 -0.54 14.92
C CYS B 22 -18.30 -1.24 16.20
N SER B 23 -18.22 -2.57 16.18
CA SER B 23 -18.71 -3.41 17.26
C SER B 23 -17.55 -3.87 18.13
N GLY B 24 -17.78 -3.95 19.44
CA GLY B 24 -16.75 -4.30 20.42
C GLY B 24 -17.30 -5.10 21.58
N SER B 25 -16.64 -4.99 22.75
CA SER B 25 -17.09 -5.69 23.98
C SER B 25 -16.96 -4.73 25.17
N SER B 26 -17.36 -5.18 26.35
CA SER B 26 -17.34 -4.31 27.54
C SER B 26 -15.93 -3.83 27.89
N SER B 27 -14.90 -4.64 27.63
CA SER B 27 -13.53 -4.27 27.98
C SER B 27 -12.91 -3.21 27.04
N ASN B 28 -13.57 -2.87 25.94
CA ASN B 28 -13.12 -1.75 25.11
C ASN B 28 -14.14 -0.63 24.94
N ILE B 29 -15.07 -0.79 24.00
CA ILE B 29 -16.03 0.27 23.71
C ILE B 29 -17.01 0.45 24.87
N GLY B 30 -17.39 -0.66 25.51
CA GLY B 30 -18.27 -0.58 26.66
C GLY B 30 -17.85 0.42 27.72
N ASN B 31 -16.54 0.52 27.98
CA ASN B 31 -16.06 1.36 29.08
C ASN B 31 -15.05 2.45 28.73
N ASN B 32 -14.74 2.62 27.45
CA ASN B 32 -13.76 3.62 27.03
C ASN B 32 -14.28 4.49 25.90
N TYR B 33 -13.64 5.64 25.68
CA TYR B 33 -14.11 6.55 24.63
C TYR B 33 -13.56 6.07 23.31
N VAL B 34 -14.39 6.21 22.28
CA VAL B 34 -14.01 5.80 20.94
C VAL B 34 -13.67 7.03 20.11
N SER B 35 -12.59 6.92 19.33
CA SER B 35 -12.29 7.89 18.28
C SER B 35 -12.44 7.24 16.90
N TRP B 36 -12.61 8.08 15.89
CA TRP B 36 -12.66 7.66 14.50
C TRP B 36 -11.63 8.45 13.72
N TYR B 37 -10.90 7.76 12.85
CA TYR B 37 -9.85 8.38 12.07
C TYR B 37 -10.10 8.11 10.60
N GLN B 38 -9.81 9.11 9.78
CA GLN B 38 -9.96 9.01 8.34
C GLN B 38 -8.57 8.89 7.74
N GLN B 39 -8.39 7.96 6.82
CA GLN B 39 -7.14 7.87 6.11
C GLN B 39 -7.40 7.90 4.62
N LEU B 40 -6.85 8.94 3.98
CA LEU B 40 -6.88 9.06 2.53
C LEU B 40 -5.65 8.34 2.00
N PRO B 41 -5.73 7.83 0.74
CA PRO B 41 -4.60 7.15 0.08
C PRO B 41 -3.24 7.84 0.26
N GLY B 42 -2.27 7.12 0.82
CA GLY B 42 -0.91 7.64 0.99
C GLY B 42 -0.73 8.77 2.01
N THR B 43 -1.67 8.94 2.93
CA THR B 43 -1.53 9.96 4.01
C THR B 43 -1.65 9.33 5.40
N ALA B 44 -1.21 10.07 6.40
CA ALA B 44 -1.40 9.64 7.78
C ALA B 44 -2.89 9.68 8.12
N PRO B 45 -3.29 8.93 9.15
CA PRO B 45 -4.66 9.10 9.60
C PRO B 45 -4.90 10.48 10.20
N LYS B 46 -6.17 10.88 10.26
CA LYS B 46 -6.55 12.17 10.79
C LYS B 46 -7.77 11.97 11.68
N LEU B 47 -7.74 12.57 12.86
CA LEU B 47 -8.84 12.47 13.81
C LEU B 47 -10.10 13.13 13.26
N LEU B 48 -11.19 12.38 13.20
CA LEU B 48 -12.50 12.93 12.85
C LEU B 48 -13.35 13.21 14.10
N ILE B 49 -13.47 12.18 14.92
CA ILE B 49 -14.31 12.21 16.12
C ILE B 49 -13.48 11.73 17.30
N TYR B 50 -13.68 12.36 18.45
CA TYR B 50 -13.18 11.87 19.74
C TYR B 50 -14.32 11.90 20.74
N ASP B 51 -14.09 11.32 21.92
CA ASP B 51 -15.09 11.28 22.99
C ASP B 51 -16.46 10.86 22.40
N ASN B 52 -16.44 9.79 21.62
CA ASN B 52 -17.62 9.16 20.99
C ASN B 52 -18.25 10.01 19.90
N ASN B 53 -18.62 11.23 20.24
CA ASN B 53 -19.34 12.15 19.32
C ASN B 53 -18.89 13.61 19.11
N LYS B 54 -17.67 13.97 19.52
CA LYS B 54 -17.18 15.35 19.38
C LYS B 54 -16.36 15.50 18.12
N ARG B 55 -16.53 16.62 17.42
CA ARG B 55 -15.68 16.97 16.29
C ARG B 55 -14.64 17.99 16.71
N PRO B 56 -13.35 17.73 16.40
CA PRO B 56 -12.33 18.73 16.68
C PRO B 56 -12.38 19.93 15.72
N SER B 57 -11.63 20.97 16.08
CA SER B 57 -11.60 22.22 15.32
C SER B 57 -11.23 21.93 13.86
N GLY B 58 -12.07 22.39 12.94
CA GLY B 58 -11.81 22.26 11.52
C GLY B 58 -12.49 21.09 10.82
N ILE B 59 -12.99 20.12 11.58
CA ILE B 59 -13.71 18.99 10.97
C ILE B 59 -15.16 19.43 10.82
N PRO B 60 -15.69 19.38 9.59
CA PRO B 60 -16.99 20.01 9.33
C PRO B 60 -18.21 19.22 9.84
N ASP B 61 -19.35 19.91 9.88
CA ASP B 61 -20.67 19.40 10.30
C ASP B 61 -21.09 18.03 9.77
N ARG B 62 -20.54 17.63 8.64
CA ARG B 62 -21.02 16.47 7.89
C ARG B 62 -20.74 15.13 8.60
N PHE B 63 -19.70 15.10 9.42
CA PHE B 63 -19.29 13.90 10.16
C PHE B 63 -19.90 13.89 11.55
N SER B 64 -20.32 12.73 12.02
CA SER B 64 -20.91 12.60 13.36
C SER B 64 -20.64 11.23 13.98
N GLY B 65 -20.76 11.11 15.31
CA GLY B 65 -20.54 9.82 15.98
C GLY B 65 -21.61 9.52 17.01
N SER B 66 -21.99 8.25 17.11
CA SER B 66 -22.96 7.79 18.11
C SER B 66 -22.38 6.63 18.90
N LYS B 67 -22.89 6.40 20.11
CA LYS B 67 -22.51 5.25 20.91
C LYS B 67 -23.80 4.58 21.37
N SER B 68 -23.87 3.27 21.15
CA SER B 68 -24.95 2.47 21.67
C SER B 68 -24.34 1.29 22.42
N GLY B 69 -23.86 1.54 23.63
CA GLY B 69 -23.30 0.48 24.45
C GLY B 69 -21.95 -0.02 23.98
N THR B 70 -21.91 -1.26 23.50
CA THR B 70 -20.65 -1.85 23.03
C THR B 70 -20.40 -1.61 21.54
N SER B 71 -21.33 -0.94 20.85
CA SER B 71 -21.16 -0.53 19.46
C SER B 71 -21.09 0.98 19.30
N THR B 72 -20.55 1.40 18.16
CA THR B 72 -20.38 2.80 17.80
C THR B 72 -20.66 2.96 16.31
N THR B 73 -21.09 4.15 15.91
CA THR B 73 -21.46 4.41 14.53
C THR B 73 -20.91 5.75 14.08
N LEU B 74 -20.39 5.76 12.86
CA LEU B 74 -19.93 6.98 12.24
C LEU B 74 -20.96 7.34 11.17
N GLY B 75 -21.38 8.60 11.18
CA GLY B 75 -22.29 9.13 10.16
C GLY B 75 -21.60 10.20 9.35
N ILE B 76 -21.73 10.10 8.03
CA ILE B 76 -21.22 11.10 7.09
C ILE B 76 -22.37 11.54 6.19
N THR B 77 -22.73 12.82 6.22
CA THR B 77 -23.81 13.34 5.38
C THR B 77 -23.25 14.14 4.22
N GLY B 78 -24.11 14.37 3.23
CA GLY B 78 -23.76 15.20 2.07
C GLY B 78 -22.45 14.73 1.48
N LEU B 79 -22.43 13.46 1.11
CA LEU B 79 -21.21 12.80 0.59
C LEU B 79 -20.53 13.52 -0.58
N GLN B 80 -19.21 13.65 -0.47
CA GLN B 80 -18.38 14.25 -1.52
C GLN B 80 -17.36 13.24 -1.97
N THR B 81 -16.90 13.36 -3.20
CA THR B 81 -15.89 12.45 -3.73
C THR B 81 -14.64 12.41 -2.82
N GLY B 82 -14.26 13.56 -2.27
CA GLY B 82 -13.09 13.67 -1.38
C GLY B 82 -13.22 12.99 -0.02
N ASP B 83 -14.37 12.38 0.23
CA ASP B 83 -14.59 11.51 1.41
C ASP B 83 -14.22 10.04 1.16
N GLU B 84 -13.78 9.72 -0.05
CA GLU B 84 -13.35 8.35 -0.38
C GLU B 84 -12.09 8.09 0.40
N ALA B 85 -12.10 7.02 1.19
CA ALA B 85 -11.04 6.78 2.17
C ALA B 85 -11.32 5.54 3.03
N ASP B 86 -10.30 5.14 3.80
CA ASP B 86 -10.46 4.12 4.81
C ASP B 86 -10.77 4.78 6.16
N TYR B 87 -11.79 4.27 6.84
CA TYR B 87 -12.21 4.80 8.14
C TYR B 87 -11.97 3.76 9.22
N TYR B 88 -11.30 4.17 10.30
CA TYR B 88 -10.99 3.28 11.43
C TYR B 88 -11.58 3.79 12.75
N CYS B 89 -12.12 2.88 13.55
CA CYS B 89 -12.47 3.21 14.95
C CYS B 89 -11.33 2.73 15.80
N GLY B 90 -11.13 3.38 16.94
CA GLY B 90 -10.07 3.00 17.85
C GLY B 90 -10.54 3.24 19.25
N THR B 91 -9.99 2.48 20.19
CA THR B 91 -10.22 2.73 21.60
C THR B 91 -9.21 1.95 22.42
N TRP B 92 -9.25 2.17 23.73
CA TRP B 92 -8.42 1.45 24.66
C TRP B 92 -9.11 0.17 25.06
N ASP B 93 -8.34 -0.88 25.28
CA ASP B 93 -8.88 -2.12 25.80
C ASP B 93 -8.28 -2.39 27.16
N SER B 94 -9.14 -2.47 28.17
CA SER B 94 -8.75 -2.67 29.56
C SER B 94 -8.10 -4.04 29.83
N ARG B 95 -8.58 -5.07 29.15
CA ARG B 95 -8.10 -6.42 29.37
C ARG B 95 -6.72 -6.61 28.73
N LEU B 96 -6.57 -6.15 27.48
CA LEU B 96 -5.30 -6.23 26.76
C LEU B 96 -4.30 -5.14 27.16
N SER B 97 -4.78 -4.01 27.65
CA SER B 97 -3.91 -2.90 27.97
C SER B 97 -3.30 -2.43 26.65
N ALA B 98 -4.14 -2.12 25.67
CA ALA B 98 -3.64 -1.75 24.36
C ALA B 98 -4.63 -0.85 23.67
N VAL B 99 -4.14 -0.01 22.77
CA VAL B 99 -5.03 0.68 21.86
C VAL B 99 -5.39 -0.39 20.85
N VAL B 100 -6.65 -0.40 20.47
CA VAL B 100 -7.15 -1.40 19.56
C VAL B 100 -7.89 -0.70 18.43
N PHE B 101 -7.61 -1.11 17.20
CA PHE B 101 -8.30 -0.52 16.05
C PHE B 101 -9.14 -1.56 15.36
N GLY B 102 -10.30 -1.16 14.83
CA GLY B 102 -11.06 -2.01 13.89
C GLY B 102 -10.23 -2.23 12.63
N GLY B 103 -10.68 -3.15 11.77
CA GLY B 103 -9.91 -3.55 10.58
C GLY B 103 -9.88 -2.52 9.46
N GLY B 104 -10.82 -1.58 9.46
CA GLY B 104 -10.93 -0.58 8.42
C GLY B 104 -12.16 -0.79 7.54
N THR B 105 -12.82 0.30 7.19
CA THR B 105 -13.93 0.26 6.27
C THR B 105 -13.54 1.13 5.09
N LYS B 106 -13.48 0.53 3.90
CA LYS B 106 -13.22 1.30 2.68
C LYS B 106 -14.51 1.94 2.17
N LEU B 107 -14.51 3.26 2.05
CA LEU B 107 -15.68 3.98 1.57
C LEU B 107 -15.55 4.30 0.08
N THR B 108 -16.54 3.88 -0.68
CA THR B 108 -16.62 4.14 -2.10
C THR B 108 -17.78 5.09 -2.39
N VAL B 109 -17.52 6.17 -3.13
CA VAL B 109 -18.59 7.07 -3.59
C VAL B 109 -18.97 6.68 -5.02
N LEU B 110 -20.25 6.35 -5.21
CA LEU B 110 -20.72 5.82 -6.49
C LEU B 110 -20.85 6.94 -7.54
N GLY B 111 -21.17 6.55 -8.76
CA GLY B 111 -21.36 7.49 -9.86
C GLY B 111 -20.33 7.30 -10.96
N GLN B 112 -19.09 7.02 -10.58
CA GLN B 112 -18.06 6.83 -11.58
C GLN B 112 -18.43 5.64 -12.48
N PRO B 113 -18.42 5.88 -13.80
CA PRO B 113 -18.95 4.90 -14.72
C PRO B 113 -18.00 3.73 -14.93
N LYS B 114 -18.58 2.58 -15.24
CA LYS B 114 -17.83 1.37 -15.53
C LYS B 114 -16.85 1.57 -16.68
N ALA B 115 -15.69 0.92 -16.59
CA ALA B 115 -14.68 0.96 -17.65
C ALA B 115 -14.06 -0.40 -17.81
N ASN B 116 -14.04 -0.90 -19.04
CA ASN B 116 -13.51 -2.24 -19.30
C ASN B 116 -11.99 -2.17 -19.41
N PRO B 117 -11.31 -3.26 -19.02
CA PRO B 117 -9.86 -3.27 -19.06
C PRO B 117 -9.28 -3.34 -20.47
N THR B 118 -8.18 -2.62 -20.69
CA THR B 118 -7.31 -2.84 -21.85
C THR B 118 -6.27 -3.87 -21.44
N VAL B 119 -6.10 -4.90 -22.24
CA VAL B 119 -5.16 -5.96 -21.92
C VAL B 119 -4.07 -6.06 -22.99
N THR B 120 -2.82 -6.07 -22.55
CA THR B 120 -1.69 -6.16 -23.45
C THR B 120 -0.80 -7.31 -22.99
N LEU B 121 -0.45 -8.19 -23.92
CA LEU B 121 0.29 -9.39 -23.56
C LEU B 121 1.52 -9.49 -24.44
N PHE B 122 2.68 -9.61 -23.79
CA PHE B 122 3.95 -9.72 -24.47
C PHE B 122 4.54 -11.13 -24.26
N PRO B 123 5.12 -11.71 -25.32
CA PRO B 123 5.86 -12.95 -25.11
C PRO B 123 7.21 -12.69 -24.47
N PRO B 124 7.95 -13.77 -24.14
CA PRO B 124 9.35 -13.66 -23.77
C PRO B 124 10.17 -13.00 -24.87
N SER B 125 11.06 -12.10 -24.48
CA SER B 125 11.98 -11.48 -25.40
C SER B 125 13.08 -12.46 -25.82
N SER B 126 13.69 -12.19 -26.97
CA SER B 126 14.89 -12.89 -27.43
C SER B 126 16.00 -12.88 -26.40
N GLU B 127 16.24 -11.71 -25.82
CA GLU B 127 17.30 -11.55 -24.85
C GLU B 127 17.02 -12.41 -23.62
N GLU B 128 15.79 -12.40 -23.13
CA GLU B 128 15.45 -13.22 -21.96
C GLU B 128 15.61 -14.72 -22.23
N LEU B 129 15.17 -15.19 -23.40
CA LEU B 129 15.32 -16.61 -23.77
C LEU B 129 16.78 -17.03 -23.87
N GLN B 130 17.64 -16.11 -24.29
CA GLN B 130 19.06 -16.39 -24.44
C GLN B 130 19.71 -16.62 -23.09
N ALA B 131 19.24 -15.86 -22.09
CA ALA B 131 19.65 -16.08 -20.71
C ALA B 131 18.88 -17.25 -20.05
N ASN B 132 18.33 -18.15 -20.87
CA ASN B 132 17.57 -19.32 -20.40
C ASN B 132 16.51 -19.01 -19.34
N LYS B 133 15.81 -17.88 -19.49
CA LYS B 133 14.58 -17.61 -18.73
C LYS B 133 13.46 -17.31 -19.71
N ALA B 134 12.23 -17.27 -19.21
CA ALA B 134 11.09 -16.95 -20.04
C ALA B 134 10.01 -16.36 -19.15
N THR B 135 9.52 -15.18 -19.52
CA THR B 135 8.47 -14.51 -18.78
C THR B 135 7.41 -13.95 -19.74
N LEU B 136 6.16 -14.35 -19.52
CA LEU B 136 5.02 -13.73 -20.21
C LEU B 136 4.49 -12.60 -19.34
N VAL B 137 4.20 -11.47 -19.99
CA VAL B 137 3.79 -10.25 -19.30
C VAL B 137 2.40 -9.81 -19.76
N CYS B 138 1.49 -9.71 -18.81
CA CYS B 138 0.14 -9.34 -19.08
C CYS B 138 -0.19 -8.05 -18.32
N LEU B 139 -0.48 -6.99 -19.06
CA LEU B 139 -0.73 -5.67 -18.48
C LEU B 139 -2.16 -5.22 -18.67
N ILE B 140 -2.73 -4.74 -17.56
CA ILE B 140 -4.14 -4.54 -17.46
C ILE B 140 -4.37 -3.16 -16.93
N SER B 141 -4.99 -2.28 -17.73
CA SER B 141 -5.12 -0.88 -17.39
C SER B 141 -6.54 -0.35 -17.62
N ASP B 142 -6.81 0.82 -17.06
CA ASP B 142 -8.01 1.61 -17.34
C ASP B 142 -9.32 0.87 -17.06
N PHE B 143 -9.36 0.10 -15.99
CA PHE B 143 -10.61 -0.55 -15.60
C PHE B 143 -11.19 0.05 -14.33
N TYR B 144 -12.50 -0.07 -14.22
CA TYR B 144 -13.26 0.41 -13.07
C TYR B 144 -14.60 -0.32 -13.04
N PRO B 145 -15.01 -0.88 -11.89
CA PRO B 145 -14.33 -0.78 -10.60
C PRO B 145 -13.00 -1.51 -10.55
N GLY B 146 -12.30 -1.34 -9.43
CA GLY B 146 -10.91 -1.78 -9.30
C GLY B 146 -10.75 -3.19 -8.74
N ALA B 147 -11.24 -4.17 -9.49
CA ALA B 147 -11.04 -5.58 -9.16
C ALA B 147 -11.11 -6.36 -10.45
N VAL B 148 -10.15 -7.26 -10.63
CA VAL B 148 -10.12 -8.17 -11.75
C VAL B 148 -9.64 -9.51 -11.26
N THR B 149 -9.89 -10.53 -12.05
CA THR B 149 -9.36 -11.87 -11.86
C THR B 149 -8.61 -12.24 -13.12
N VAL B 150 -7.43 -12.83 -12.97
CA VAL B 150 -6.62 -13.21 -14.11
C VAL B 150 -6.42 -14.71 -14.13
N ALA B 151 -6.59 -15.33 -15.29
CA ALA B 151 -6.36 -16.75 -15.45
C ALA B 151 -5.50 -16.99 -16.68
N TRP B 152 -4.54 -17.89 -16.58
CA TRP B 152 -3.68 -18.22 -17.69
C TRP B 152 -4.06 -19.58 -18.22
N LYS B 153 -3.88 -19.76 -19.52
CA LYS B 153 -4.13 -21.02 -20.20
C LYS B 153 -3.05 -21.31 -21.23
N ALA B 154 -2.72 -22.59 -21.35
CA ALA B 154 -1.77 -23.06 -22.35
C ALA B 154 -2.43 -24.20 -23.11
N ASP B 155 -2.60 -24.03 -24.41
CA ASP B 155 -3.25 -25.04 -25.24
C ASP B 155 -4.59 -25.52 -24.67
N GLY B 156 -5.34 -24.62 -24.06
CA GLY B 156 -6.66 -24.92 -23.52
C GLY B 156 -6.73 -25.40 -22.08
N SER B 157 -5.60 -25.75 -21.47
CA SER B 157 -5.60 -26.23 -20.08
C SER B 157 -5.16 -25.10 -19.14
N PRO B 158 -5.82 -24.95 -17.97
CA PRO B 158 -5.36 -23.96 -16.98
C PRO B 158 -3.89 -24.14 -16.64
N VAL B 159 -3.28 -23.05 -16.18
CA VAL B 159 -1.88 -23.00 -15.76
C VAL B 159 -1.84 -22.29 -14.43
N LYS B 160 -1.53 -23.01 -13.35
CA LYS B 160 -1.46 -22.38 -12.04
C LYS B 160 -0.05 -22.09 -11.57
N ALA B 161 0.90 -22.87 -12.06
CA ALA B 161 2.31 -22.75 -11.66
C ALA B 161 3.02 -21.56 -12.32
N GLY B 162 3.67 -20.74 -11.51
CA GLY B 162 4.51 -19.65 -11.99
C GLY B 162 3.76 -18.35 -12.21
N VAL B 163 2.50 -18.29 -11.76
CA VAL B 163 1.67 -17.13 -11.91
C VAL B 163 1.79 -16.23 -10.68
N GLU B 164 2.25 -14.99 -10.88
CA GLU B 164 2.29 -13.97 -9.82
C GLU B 164 1.49 -12.80 -10.35
N THR B 165 0.54 -12.30 -9.58
CA THR B 165 -0.37 -11.25 -10.03
C THR B 165 -0.46 -10.16 -8.97
N THR B 166 -0.33 -8.89 -9.37
CA THR B 166 -0.40 -7.78 -8.42
C THR B 166 -1.86 -7.48 -8.05
N LYS B 167 -2.06 -6.84 -6.91
CA LYS B 167 -3.37 -6.31 -6.57
C LYS B 167 -3.60 -5.09 -7.45
N PRO B 168 -4.87 -4.70 -7.63
CA PRO B 168 -5.13 -3.53 -8.44
C PRO B 168 -4.67 -2.24 -7.74
N SER B 169 -4.20 -1.26 -8.50
CA SER B 169 -3.80 0.02 -7.94
C SER B 169 -4.42 1.13 -8.72
N LYS B 170 -4.63 2.26 -8.07
CA LYS B 170 -5.37 3.35 -8.67
C LYS B 170 -4.45 4.18 -9.52
N GLN B 171 -4.80 4.34 -10.78
CA GLN B 171 -4.07 5.26 -11.64
C GLN B 171 -4.49 6.68 -11.27
N SER B 172 -3.72 7.66 -11.75
CA SER B 172 -4.04 9.05 -11.51
C SER B 172 -5.32 9.54 -12.19
N ASN B 173 -5.78 8.85 -13.24
CA ASN B 173 -7.02 9.23 -13.91
C ASN B 173 -8.25 8.61 -13.28
N ASN B 174 -8.06 8.06 -12.10
CA ASN B 174 -9.08 7.45 -11.24
C ASN B 174 -9.60 6.08 -11.68
N LYS B 175 -8.99 5.50 -12.71
CA LYS B 175 -9.23 4.11 -13.07
C LYS B 175 -8.10 3.27 -12.48
N TYR B 176 -8.17 1.96 -12.65
CA TYR B 176 -7.25 1.05 -11.97
C TYR B 176 -6.43 0.26 -12.93
N ALA B 177 -5.27 -0.18 -12.45
CA ALA B 177 -4.33 -0.96 -13.24
C ALA B 177 -3.89 -2.21 -12.47
N ALA B 178 -3.41 -3.22 -13.19
CA ALA B 178 -2.85 -4.42 -12.58
C ALA B 178 -1.99 -5.16 -13.57
N SER B 179 -1.22 -6.13 -13.08
CA SER B 179 -0.41 -6.93 -13.98
C SER B 179 -0.19 -8.32 -13.45
N SER B 180 0.05 -9.24 -14.38
CA SER B 180 0.25 -10.64 -14.06
C SER B 180 1.41 -11.16 -14.88
N TYR B 181 2.24 -11.98 -14.25
CA TYR B 181 3.45 -12.53 -14.86
C TYR B 181 3.42 -14.05 -14.78
N LEU B 182 3.72 -14.71 -15.89
CA LEU B 182 3.85 -16.16 -15.92
C LEU B 182 5.31 -16.52 -16.23
N SER B 183 5.99 -17.20 -15.30
CA SER B 183 7.38 -17.68 -15.51
C SER B 183 7.39 -19.09 -16.03
N LEU B 184 8.23 -19.32 -17.03
CA LEU B 184 8.40 -20.64 -17.61
C LEU B 184 9.87 -20.85 -17.87
N THR B 185 10.23 -22.09 -18.16
CA THR B 185 11.51 -22.41 -18.77
C THR B 185 11.34 -22.21 -20.28
N PRO B 186 12.45 -21.97 -21.00
CA PRO B 186 12.34 -21.90 -22.46
C PRO B 186 11.76 -23.15 -23.10
N GLU B 187 11.97 -24.31 -22.47
CA GLU B 187 11.52 -25.60 -23.00
C GLU B 187 10.01 -25.59 -23.01
N GLN B 188 9.42 -25.27 -21.87
CA GLN B 188 7.96 -25.32 -21.77
C GLN B 188 7.28 -24.16 -22.52
N TRP B 189 7.98 -23.06 -22.72
CA TRP B 189 7.48 -22.03 -23.65
C TRP B 189 7.39 -22.57 -25.09
N LYS B 190 8.44 -23.21 -25.57
CA LYS B 190 8.45 -23.75 -26.94
C LYS B 190 7.55 -24.99 -27.11
N SER B 191 7.31 -25.74 -26.04
CA SER B 191 6.54 -27.00 -26.09
C SER B 191 5.02 -26.84 -26.28
N HIS B 192 4.50 -25.61 -26.19
CA HIS B 192 3.09 -25.37 -26.39
C HIS B 192 2.89 -24.49 -27.62
N ARG B 193 1.72 -24.60 -28.24
CA ARG B 193 1.39 -23.85 -29.46
C ARG B 193 0.94 -22.43 -29.12
N SER B 194 0.25 -22.26 -28.00
CA SER B 194 -0.28 -20.96 -27.58
C SER B 194 -0.29 -20.83 -26.08
N TYR B 195 -0.07 -19.61 -25.61
CA TYR B 195 -0.39 -19.23 -24.23
C TYR B 195 -1.40 -18.07 -24.25
N SER B 196 -2.27 -18.00 -23.25
CA SER B 196 -3.30 -16.99 -23.24
C SER B 196 -3.52 -16.42 -21.85
N CYS B 197 -3.78 -15.11 -21.81
CA CYS B 197 -4.03 -14.34 -20.58
C CYS B 197 -5.50 -13.93 -20.62
N GLN B 198 -6.25 -14.30 -19.60
CA GLN B 198 -7.69 -14.02 -19.57
C GLN B 198 -8.02 -13.16 -18.39
N VAL B 199 -8.56 -11.99 -18.66
CA VAL B 199 -8.83 -11.02 -17.62
C VAL B 199 -10.32 -10.84 -17.47
N THR B 200 -10.86 -11.17 -16.30
CA THR B 200 -12.27 -11.12 -16.04
C THR B 200 -12.56 -9.91 -15.17
N HIS B 201 -13.51 -9.10 -15.63
CA HIS B 201 -13.90 -7.87 -14.94
C HIS B 201 -15.42 -7.73 -14.99
N GLU B 202 -16.05 -7.74 -13.81
CA GLU B 202 -17.51 -7.68 -13.67
C GLU B 202 -18.22 -8.74 -14.52
N GLY B 203 -17.66 -9.96 -14.54
CA GLY B 203 -18.25 -11.08 -15.26
C GLY B 203 -17.91 -11.19 -16.73
N SER B 204 -17.19 -10.22 -17.27
CA SER B 204 -16.83 -10.25 -18.70
C SER B 204 -15.35 -10.48 -18.81
N THR B 205 -14.92 -11.11 -19.89
CA THR B 205 -13.52 -11.52 -20.03
C THR B 205 -12.87 -10.97 -21.30
N VAL B 206 -11.62 -10.58 -21.18
CA VAL B 206 -10.86 -10.13 -22.33
C VAL B 206 -9.65 -11.04 -22.44
N GLU B 207 -9.41 -11.61 -23.62
CA GLU B 207 -8.34 -12.57 -23.81
C GLU B 207 -7.32 -12.09 -24.83
N LYS B 208 -6.05 -12.32 -24.53
CA LYS B 208 -4.97 -12.16 -25.47
C LYS B 208 -4.15 -13.43 -25.50
N THR B 209 -3.53 -13.69 -26.64
CA THR B 209 -2.81 -14.92 -26.89
C THR B 209 -1.42 -14.64 -27.50
N VAL B 210 -0.43 -15.42 -27.11
CA VAL B 210 0.89 -15.38 -27.79
C VAL B 210 1.39 -16.79 -28.08
N ALA B 211 2.26 -16.88 -29.08
CA ALA B 211 2.79 -18.15 -29.56
C ALA B 211 4.27 -17.98 -29.91
N PRO B 212 5.09 -19.00 -29.69
CA PRO B 212 6.51 -18.98 -30.10
C PRO B 212 6.79 -18.63 -31.58
N THR B 213 6.11 -19.35 -32.46
CA THR B 213 6.26 -19.19 -33.89
C THR B 213 5.74 -17.84 -34.35
#